data_3G2C
#
_entry.id   3G2C
#
_cell.length_a   80.325
_cell.length_b   80.325
_cell.length_c   79.611
_cell.angle_alpha   90.000
_cell.angle_beta   90.000
_cell.angle_gamma   120.000
#
_symmetry.space_group_name_H-M   'P 32'
#
loop_
_entity.id
_entity.type
_entity.pdbx_description
1 polymer Exodeoxyribonuclease
2 polymer "5'-D(P*CP*GP*TP*A)-3'"
3 non-polymer GLYCEROL
4 non-polymer 'MAGNESIUM ION'
5 non-polymer 'PHOSPHATE ION'
6 water water
#
loop_
_entity_poly.entity_id
_entity_poly.type
_entity_poly.pdbx_seq_one_letter_code
_entity_poly.pdbx_strand_id
1 'polypeptide(L)'
;MAVLKIISWNVNGLRAVHRKGFLKWFMEEKPDILCLQEIKAAPEQLPRKLRHVEGYRSFFTPAERKGYSGVAMYTKVPPS
SLREGFGVERFDTEGRIQIADFDDFLLYNIYFPNGKMSEERLKYKLEFYDAFLEDVNRERDSGRNVIICGDFNTAHREID
LARPKENSNVSGFLPVERAWIDKFIENGYVDTFRMFNSDPGQYTWWSYRTRARERNVGWRLDYFFVNEEFKGKVKRSWIL
SDVMGSDHCPIGLEIELLEHHHHHH
;
A,B
2 'polydeoxyribonucleotide' (DC)(DG)(DT)(DA) I
#
# COMPACT_ATOMS: atom_id res chain seq x y z
N ALA A 2 5.32 40.00 17.44
CA ALA A 2 4.53 40.43 16.27
C ALA A 2 3.90 39.21 15.59
N VAL A 3 4.58 38.65 14.59
CA VAL A 3 4.03 37.55 13.77
C VAL A 3 4.49 36.15 14.21
N LEU A 4 3.51 35.27 14.43
CA LEU A 4 3.78 33.89 14.82
C LEU A 4 3.11 32.95 13.82
N LYS A 5 3.88 32.03 13.25
CA LYS A 5 3.37 31.08 12.26
C LYS A 5 3.16 29.68 12.84
N ILE A 6 1.96 29.13 12.66
CA ILE A 6 1.61 27.80 13.16
C ILE A 6 1.25 26.96 11.97
N ILE A 7 1.80 25.74 11.92
CA ILE A 7 1.44 24.79 10.88
C ILE A 7 0.87 23.53 11.50
N SER A 8 -0.20 23.03 10.92
CA SER A 8 -0.74 21.73 11.30
C SER A 8 -0.60 20.78 10.12
N TRP A 9 -0.27 19.52 10.41
CA TRP A 9 -0.07 18.49 9.40
C TRP A 9 -0.34 17.09 9.90
N ASN A 10 -1.31 16.41 9.29
CA ASN A 10 -1.44 14.97 9.47
C ASN A 10 -0.46 14.34 8.51
N VAL A 11 0.45 13.60 9.11
CA VAL A 11 1.68 13.24 8.48
C VAL A 11 1.58 11.75 8.06
N ASN A 12 0.47 11.09 8.43
CA ASN A 12 0.25 9.66 8.13
C ASN A 12 1.50 8.81 8.39
N GLY A 13 2.13 9.03 9.54
CA GLY A 13 3.36 8.35 9.87
C GLY A 13 4.56 9.26 9.76
N LEU A 14 5.14 9.59 10.90
CA LEU A 14 6.26 10.50 10.97
C LEU A 14 7.57 9.92 10.44
N ARG A 15 7.87 8.67 10.74
CA ARG A 15 9.10 8.12 10.18
C ARG A 15 9.00 7.87 8.64
N ALA A 16 7.80 7.57 8.13
CA ALA A 16 7.52 7.54 6.68
C ALA A 16 7.76 8.87 5.97
N VAL A 17 7.13 9.94 6.48
CA VAL A 17 7.38 11.31 6.03
C VAL A 17 8.88 11.73 6.21
N HIS A 18 9.52 11.21 7.24
CA HIS A 18 10.96 11.44 7.53
C HIS A 18 11.91 10.92 6.40
N ARG A 19 11.69 9.70 5.95
CA ARG A 19 12.40 9.13 4.82
C ARG A 19 12.17 9.92 3.50
N LYS A 20 11.08 10.68 3.43
CA LYS A 20 10.76 11.45 2.24
C LYS A 20 11.29 12.88 2.30
N GLY A 21 12.04 13.20 3.35
CA GLY A 21 12.58 14.55 3.56
C GLY A 21 11.73 15.57 4.35
N PHE A 22 10.94 15.10 5.34
CA PHE A 22 10.20 16.00 6.28
C PHE A 22 11.05 17.12 6.86
N LEU A 23 12.24 16.78 7.36
CA LEU A 23 13.16 17.78 7.94
C LEU A 23 13.59 18.85 6.95
N LYS A 24 13.78 18.47 5.70
CA LYS A 24 14.15 19.46 4.71
C LYS A 24 12.98 20.42 4.49
N TRP A 25 11.77 19.90 4.44
CA TRP A 25 10.56 20.71 4.36
C TRP A 25 10.41 21.65 5.56
N PHE A 26 10.55 21.10 6.78
CA PHE A 26 10.44 21.80 8.07
C PHE A 26 11.41 22.95 8.20
N MET A 27 12.66 22.72 7.85
CA MET A 27 13.67 23.78 7.89
C MET A 27 13.50 24.84 6.80
N GLU A 28 12.75 24.50 5.76
CA GLU A 28 12.43 25.42 4.67
C GLU A 28 11.22 26.25 5.06
N GLU A 29 10.18 25.62 5.62
CA GLU A 29 8.95 26.34 5.94
C GLU A 29 9.07 27.23 7.19
N LYS A 30 9.87 26.77 8.15
CA LYS A 30 10.22 27.53 9.39
C LYS A 30 9.04 27.98 10.28
N PRO A 31 8.11 27.06 10.59
CA PRO A 31 7.07 27.52 11.53
C PRO A 31 7.62 27.82 12.95
N ASP A 32 6.98 28.73 13.66
CA ASP A 32 7.33 28.93 15.06
C ASP A 32 6.77 27.79 15.90
N ILE A 33 5.57 27.31 15.54
CA ILE A 33 4.97 26.10 16.12
C ILE A 33 4.50 25.13 15.03
N LEU A 34 4.79 23.83 15.19
CA LEU A 34 4.36 22.82 14.24
C LEU A 34 3.52 21.81 14.95
N CYS A 35 2.27 21.64 14.53
CA CYS A 35 1.43 20.56 15.03
C CYS A 35 1.34 19.37 14.06
N LEU A 36 1.61 18.16 14.56
CA LEU A 36 1.56 16.97 13.73
C LEU A 36 0.62 15.91 14.28
N GLN A 37 -0.11 15.26 13.38
CA GLN A 37 -1.05 14.21 13.76
C GLN A 37 -0.65 12.93 13.08
N GLU A 38 -0.90 11.80 13.75
CA GLU A 38 -0.55 10.47 13.27
C GLU A 38 0.95 10.26 13.15
N ILE A 39 1.60 10.29 14.29
CA ILE A 39 3.01 10.04 14.38
C ILE A 39 3.25 8.54 14.14
N LYS A 40 2.49 7.70 14.86
CA LYS A 40 2.49 6.23 14.74
C LYS A 40 3.77 5.54 15.21
N ALA A 41 4.70 6.28 15.78
CA ALA A 41 5.97 5.69 16.12
C ALA A 41 6.14 5.74 17.62
N ALA A 42 6.98 4.85 18.13
CA ALA A 42 7.39 4.92 19.52
C ALA A 42 8.38 6.09 19.62
N PRO A 43 7.94 7.21 20.24
CA PRO A 43 8.74 8.43 20.17
C PRO A 43 10.17 8.30 20.72
N GLU A 44 10.33 7.47 21.73
CA GLU A 44 11.59 7.31 22.43
C GLU A 44 12.64 6.58 21.58
N GLN A 45 12.19 5.92 20.51
CA GLN A 45 13.08 5.28 19.55
C GLN A 45 13.05 5.89 18.13
N LEU A 46 12.59 7.14 18.05
CA LEU A 46 12.58 7.89 16.81
C LEU A 46 13.99 8.42 16.57
N PRO A 47 14.35 8.68 15.30
CA PRO A 47 15.60 9.37 15.05
C PRO A 47 15.78 10.58 15.97
N ARG A 48 16.97 10.68 16.56
CA ARG A 48 17.38 11.83 17.36
C ARG A 48 17.29 13.16 16.63
N LYS A 49 17.50 13.14 15.32
CA LYS A 49 17.48 14.36 14.51
C LYS A 49 16.04 14.76 14.22
N LEU A 50 15.11 13.84 14.50
CA LEU A 50 13.68 14.08 14.41
C LEU A 50 13.08 14.58 15.74
N ARG A 51 13.66 14.16 16.87
CA ARG A 51 13.19 14.57 18.20
C ARG A 51 13.81 15.86 18.63
N HIS A 52 15.05 16.08 18.21
CA HIS A 52 15.76 17.28 18.58
C HIS A 52 16.15 18.02 17.34
N VAL A 53 15.20 18.83 16.88
CA VAL A 53 15.43 19.75 15.78
C VAL A 53 15.88 21.10 16.35
N GLU A 54 16.97 21.62 15.81
CA GLU A 54 17.60 22.84 16.34
C GLU A 54 16.65 24.04 16.41
N GLY A 55 16.47 24.55 17.62
CA GLY A 55 15.67 25.74 17.90
C GLY A 55 14.28 25.39 18.36
N TYR A 56 14.00 24.11 18.50
CA TYR A 56 12.66 23.68 18.91
C TYR A 56 12.74 22.80 20.12
N ARG A 57 11.75 22.93 20.97
CA ARG A 57 11.45 21.90 21.90
C ARG A 57 10.31 21.04 21.27
N SER A 58 10.39 19.72 21.46
CA SER A 58 9.43 18.80 20.90
C SER A 58 8.67 18.03 21.99
N PHE A 59 7.41 17.71 21.71
CA PHE A 59 6.55 16.96 22.63
C PHE A 59 5.83 15.89 21.83
N PHE A 60 5.93 14.63 22.27
CA PHE A 60 5.23 13.52 21.65
C PHE A 60 4.21 12.95 22.60
N THR A 61 3.04 12.67 22.06
CA THR A 61 1.95 12.10 22.82
C THR A 61 1.43 10.86 22.07
N PRO A 62 2.08 9.68 22.30
CA PRO A 62 1.80 8.45 21.56
C PRO A 62 0.52 7.77 22.05
N ALA A 63 -0.10 6.94 21.21
CA ALA A 63 -1.21 6.11 21.65
C ALA A 63 -0.71 4.93 22.51
N GLU A 64 -1.62 4.29 23.22
CA GLU A 64 -1.30 3.05 23.91
C GLU A 64 -1.04 1.90 22.93
N ARG A 65 -1.88 1.79 21.91
CA ARG A 65 -1.65 0.87 20.79
C ARG A 65 -0.43 1.30 19.99
N LYS A 66 0.40 0.32 19.70
CA LYS A 66 1.63 0.51 18.94
C LYS A 66 1.25 0.72 17.49
N GLY A 67 1.87 1.73 16.87
CA GLY A 67 1.78 1.94 15.42
C GLY A 67 0.53 2.67 15.03
N TYR A 68 -0.13 3.23 16.03
CA TYR A 68 -1.45 3.83 15.85
C TYR A 68 -1.47 5.25 16.38
N SER A 69 -2.01 6.17 15.58
CA SER A 69 -2.33 7.51 16.05
C SER A 69 -1.06 8.23 16.52
N GLY A 70 -1.17 8.99 17.62
CA GLY A 70 -0.06 9.76 18.15
C GLY A 70 -0.11 11.17 17.59
N VAL A 71 0.26 12.15 18.41
CA VAL A 71 0.41 13.53 17.94
C VAL A 71 1.74 14.03 18.47
N ALA A 72 2.19 15.14 17.90
CA ALA A 72 3.46 15.78 18.29
C ALA A 72 3.39 17.29 18.02
N MET A 73 4.19 18.04 18.77
CA MET A 73 4.30 19.45 18.61
C MET A 73 5.75 19.84 18.75
N TYR A 74 6.21 20.68 17.84
CA TYR A 74 7.50 21.31 17.91
C TYR A 74 7.30 22.80 18.16
N THR A 75 7.98 23.34 19.16
CA THR A 75 7.80 24.77 19.46
C THR A 75 9.10 25.57 19.72
N LYS A 76 9.22 26.75 19.09
CA LYS A 76 10.26 27.74 19.44
C LYS A 76 9.89 28.59 20.70
N VAL A 77 8.67 28.42 21.18
CA VAL A 77 8.11 29.21 22.26
C VAL A 77 8.02 28.27 23.44
N PRO A 78 8.69 28.59 24.57
CA PRO A 78 8.45 27.77 25.77
C PRO A 78 6.97 27.79 26.15
N PRO A 79 6.37 26.60 26.24
CA PRO A 79 5.02 26.48 26.81
C PRO A 79 5.00 26.58 28.33
N SER A 80 3.99 27.26 28.83
CA SER A 80 3.83 27.41 30.25
C SER A 80 3.07 26.21 30.88
N SER A 81 2.66 25.25 30.03
CA SER A 81 1.86 24.13 30.46
C SER A 81 1.61 23.20 29.26
N LEU A 82 1.62 21.89 29.49
CA LEU A 82 1.24 20.91 28.47
C LEU A 82 0.30 19.83 29.03
N ARG A 83 -0.91 19.75 28.50
CA ARG A 83 -1.90 18.75 28.90
C ARG A 83 -2.17 17.84 27.70
N GLU A 84 -2.38 16.55 27.97
CA GLU A 84 -2.46 15.50 26.94
C GLU A 84 -3.78 14.73 26.99
N GLY A 85 -4.79 15.38 27.53
CA GLY A 85 -6.09 14.80 27.56
C GLY A 85 -7.12 15.76 28.05
N PHE A 86 -8.37 15.35 27.87
CA PHE A 86 -9.57 16.02 28.36
C PHE A 86 -9.92 15.50 29.78
N GLY A 87 -9.24 14.45 30.24
CA GLY A 87 -9.51 13.88 31.55
C GLY A 87 -10.66 12.89 31.50
N VAL A 88 -10.81 12.25 30.34
CA VAL A 88 -11.73 11.15 30.16
C VAL A 88 -10.93 10.00 29.55
N GLU A 89 -10.62 8.98 30.36
CA GLU A 89 -9.64 8.00 29.95
C GLU A 89 -9.83 7.38 28.55
N ARG A 90 -11.06 7.04 28.17
CA ARG A 90 -11.36 6.49 26.85
C ARG A 90 -10.73 7.33 25.74
N PHE A 91 -10.72 8.65 25.94
CA PHE A 91 -10.30 9.62 24.93
C PHE A 91 -8.82 10.02 25.03
N ASP A 92 -8.23 9.78 26.19
CA ASP A 92 -6.89 10.26 26.53
C ASP A 92 -5.82 9.20 26.30
N THR A 93 -6.25 8.04 25.82
CA THR A 93 -5.31 6.93 25.66
C THR A 93 -4.95 6.65 24.23
N GLU A 94 -5.63 7.30 23.28
CA GLU A 94 -5.41 7.03 21.87
C GLU A 94 -4.41 7.97 21.18
N GLY A 95 -3.72 8.80 21.95
CA GLY A 95 -2.65 9.67 21.41
C GLY A 95 -3.19 10.77 20.50
N ARG A 96 -4.32 11.38 20.87
CA ARG A 96 -5.03 12.30 19.97
C ARG A 96 -5.00 13.76 20.41
N ILE A 97 -4.57 14.01 21.64
CA ILE A 97 -4.74 15.28 22.32
C ILE A 97 -3.44 15.89 22.90
N GLN A 98 -3.19 17.14 22.53
CA GLN A 98 -2.21 18.01 23.18
C GLN A 98 -2.82 19.37 23.33
N ILE A 99 -2.64 19.95 24.52
CA ILE A 99 -3.14 21.28 24.82
C ILE A 99 -2.00 22.05 25.44
N ALA A 100 -1.43 22.98 24.69
CA ALA A 100 -0.29 23.77 25.16
C ALA A 100 -0.64 25.23 25.50
N ASP A 101 -0.14 25.70 26.63
CA ASP A 101 -0.34 27.07 27.05
C ASP A 101 0.83 27.94 26.63
N PHE A 102 0.52 28.89 25.75
CA PHE A 102 1.48 29.83 25.30
C PHE A 102 1.11 31.23 25.76
N ASP A 103 0.41 31.32 26.90
CA ASP A 103 0.15 32.59 27.61
C ASP A 103 -0.96 33.42 26.94
N ASP A 104 -0.70 33.91 25.72
CA ASP A 104 -1.70 34.62 24.90
C ASP A 104 -2.88 33.76 24.48
N PHE A 105 -2.60 32.50 24.17
CA PHE A 105 -3.64 31.58 23.78
C PHE A 105 -3.28 30.19 24.29
N LEU A 106 -4.27 29.32 24.40
CA LEU A 106 -4.03 27.88 24.46
C LEU A 106 -4.02 27.34 23.02
N LEU A 107 -3.12 26.40 22.77
CA LEU A 107 -3.09 25.68 21.51
C LEU A 107 -3.50 24.20 21.67
N TYR A 108 -4.61 23.84 21.01
CA TYR A 108 -5.11 22.48 20.91
C TYR A 108 -4.62 21.86 19.59
N ASN A 109 -3.92 20.74 19.70
CA ASN A 109 -3.50 20.00 18.52
C ASN A 109 -4.21 18.67 18.66
N ILE A 110 -5.19 18.43 17.78
CA ILE A 110 -6.07 17.29 17.93
C ILE A 110 -6.16 16.42 16.67
N TYR A 111 -5.93 15.14 16.87
CA TYR A 111 -6.28 14.14 15.88
C TYR A 111 -7.70 13.61 16.15
N PHE A 112 -8.72 14.19 15.53
CA PHE A 112 -10.09 13.74 15.80
C PHE A 112 -10.35 12.35 15.19
N PRO A 113 -11.06 11.46 15.93
CA PRO A 113 -11.26 10.08 15.48
C PRO A 113 -11.89 9.99 14.09
N ASN A 114 -11.47 8.97 13.34
CA ASN A 114 -12.08 8.58 12.08
C ASN A 114 -13.29 7.69 12.43
N GLY A 115 -14.46 8.01 11.90
CA GLY A 115 -15.64 7.21 12.21
C GLY A 115 -16.10 6.22 11.15
N LYS A 116 -15.16 5.70 10.34
CA LYS A 116 -15.52 4.78 9.25
C LYS A 116 -15.53 3.28 9.62
N MET A 117 -14.69 2.89 10.57
CA MET A 117 -14.46 1.47 10.86
C MET A 117 -15.64 0.72 11.50
N SER A 118 -16.41 1.44 12.31
CA SER A 118 -17.50 0.81 13.10
C SER A 118 -18.72 1.71 13.14
N GLU A 119 -19.79 1.21 13.76
CA GLU A 119 -20.89 2.06 14.17
C GLU A 119 -20.43 2.68 15.51
N GLU A 120 -19.63 1.92 16.24
CA GLU A 120 -19.14 2.31 17.54
C GLU A 120 -17.97 3.31 17.45
N ARG A 121 -17.27 3.35 16.32
CA ARG A 121 -16.25 4.40 16.10
C ARG A 121 -16.87 5.68 15.57
N LEU A 122 -18.04 5.60 14.94
CA LEU A 122 -18.82 6.81 14.68
C LEU A 122 -19.34 7.40 16.00
N LYS A 123 -19.68 6.52 16.94
CA LYS A 123 -20.12 6.88 18.29
C LYS A 123 -18.94 7.42 19.11
N TYR A 124 -17.84 6.68 19.14
CA TYR A 124 -16.63 7.18 19.76
C TYR A 124 -16.29 8.60 19.25
N LYS A 125 -16.31 8.79 17.94
CA LYS A 125 -16.02 10.10 17.31
C LYS A 125 -16.95 11.20 17.83
N LEU A 126 -18.25 10.95 17.74
CA LEU A 126 -19.25 11.91 18.17
C LEU A 126 -19.10 12.27 19.63
N GLU A 127 -18.77 11.29 20.47
CA GLU A 127 -18.53 11.54 21.89
C GLU A 127 -17.18 12.25 22.21
N PHE A 128 -16.15 11.98 21.40
CA PHE A 128 -14.89 12.72 21.48
C PHE A 128 -15.18 14.18 21.16
N TYR A 129 -15.99 14.40 20.13
CA TYR A 129 -16.48 15.74 19.76
C TYR A 129 -17.13 16.50 20.93
N ASP A 130 -18.00 15.79 21.65
CA ASP A 130 -18.73 16.32 22.83
C ASP A 130 -17.77 16.72 23.91
N ALA A 131 -16.82 15.85 24.17
CA ALA A 131 -15.85 16.05 25.22
C ALA A 131 -14.90 17.21 24.86
N PHE A 132 -14.51 17.31 23.60
CA PHE A 132 -13.66 18.40 23.16
C PHE A 132 -14.31 19.77 23.31
N LEU A 133 -15.56 19.88 22.89
CA LEU A 133 -16.34 21.14 23.02
C LEU A 133 -16.44 21.60 24.49
N GLU A 134 -16.80 20.67 25.38
CA GLU A 134 -16.75 20.88 26.82
C GLU A 134 -15.41 21.37 27.35
N ASP A 135 -14.33 20.73 26.91
CA ASP A 135 -13.01 21.14 27.35
C ASP A 135 -12.68 22.54 26.88
N VAL A 136 -12.80 22.79 25.58
CA VAL A 136 -12.45 24.08 25.04
C VAL A 136 -13.35 25.19 25.60
N ASN A 137 -14.65 24.92 25.72
CA ASN A 137 -15.63 25.90 26.29
C ASN A 137 -15.25 26.29 27.70
N ARG A 138 -14.83 25.31 28.48
CA ARG A 138 -14.40 25.54 29.87
C ARG A 138 -13.21 26.47 29.92
N GLU A 139 -12.22 26.23 29.05
CA GLU A 139 -11.02 27.08 28.99
C GLU A 139 -11.34 28.47 28.47
N ARG A 140 -12.16 28.55 27.43
CA ARG A 140 -12.61 29.82 26.88
C ARG A 140 -13.43 30.65 27.89
N ASP A 141 -14.39 30.00 28.56
CA ASP A 141 -15.24 30.69 29.56
C ASP A 141 -14.43 31.18 30.76
N SER A 142 -13.22 30.66 30.94
CA SER A 142 -12.35 31.10 32.04
C SER A 142 -11.53 32.30 31.62
N GLY A 143 -11.68 32.71 30.36
CA GLY A 143 -11.00 33.92 29.87
C GLY A 143 -9.79 33.69 29.01
N ARG A 144 -9.60 32.45 28.58
CA ARG A 144 -8.45 32.11 27.75
C ARG A 144 -8.82 32.12 26.27
N ASN A 145 -7.99 32.77 25.47
CA ASN A 145 -8.07 32.57 24.02
C ASN A 145 -7.59 31.18 23.63
N VAL A 146 -8.16 30.65 22.56
CA VAL A 146 -7.88 29.27 22.16
C VAL A 146 -7.68 29.22 20.64
N ILE A 147 -6.69 28.43 20.22
CA ILE A 147 -6.47 28.07 18.83
C ILE A 147 -6.55 26.56 18.75
N ILE A 148 -7.48 26.05 17.93
CA ILE A 148 -7.63 24.62 17.67
C ILE A 148 -7.26 24.30 16.21
N CYS A 149 -6.26 23.44 16.06
CA CYS A 149 -5.91 22.90 14.76
C CYS A 149 -5.91 21.38 14.77
N GLY A 150 -6.03 20.83 13.57
CA GLY A 150 -5.84 19.41 13.39
C GLY A 150 -6.76 18.82 12.36
N ASP A 151 -6.86 17.50 12.45
CA ASP A 151 -7.63 16.69 11.55
C ASP A 151 -8.96 16.42 12.25
N PHE A 152 -9.97 17.20 11.88
CA PHE A 152 -11.35 17.02 12.37
C PHE A 152 -12.04 15.77 11.78
N ASN A 153 -11.57 15.32 10.62
CA ASN A 153 -12.13 14.08 10.01
C ASN A 153 -13.57 14.24 9.52
N THR A 154 -13.94 15.48 9.23
CA THR A 154 -15.27 15.82 8.76
C THR A 154 -15.08 17.03 7.88
N ALA A 155 -15.71 16.97 6.70
CA ALA A 155 -15.86 18.13 5.86
C ALA A 155 -17.12 18.84 6.30
N HIS A 156 -17.05 20.16 6.41
CA HIS A 156 -18.11 20.90 7.07
C HIS A 156 -19.33 21.13 6.15
N ARG A 157 -19.12 21.95 5.12
CA ARG A 157 -20.13 22.30 4.12
C ARG A 157 -19.87 21.57 2.80
N GLU A 158 -20.77 21.75 1.84
CA GLU A 158 -20.67 21.06 0.57
C GLU A 158 -19.50 21.59 -0.22
N ILE A 159 -19.25 22.88 -0.02
CA ILE A 159 -18.05 23.58 -0.47
C ILE A 159 -16.72 22.87 -0.11
N ASP A 160 -16.75 22.04 0.95
CA ASP A 160 -15.53 21.42 1.55
C ASP A 160 -15.21 19.99 1.12
N LEU A 161 -15.95 19.47 0.14
CA LEU A 161 -15.58 18.22 -0.55
C LEU A 161 -15.97 18.26 -2.03
N ALA A 162 -15.30 17.44 -2.84
CA ALA A 162 -15.51 17.42 -4.29
C ALA A 162 -16.81 16.67 -4.63
N ARG A 163 -17.08 15.60 -3.90
CA ARG A 163 -18.29 14.79 -4.08
C ARG A 163 -19.19 14.79 -2.84
N PRO A 164 -19.91 15.91 -2.59
CA PRO A 164 -20.78 16.03 -1.42
C PRO A 164 -22.00 15.13 -1.48
N LYS A 165 -22.72 15.16 -2.60
CA LYS A 165 -23.93 14.34 -2.76
C LYS A 165 -23.65 12.82 -2.74
N GLU A 166 -22.47 12.41 -3.21
CA GLU A 166 -22.07 10.98 -3.17
C GLU A 166 -21.74 10.42 -1.79
N ASN A 167 -21.50 11.29 -0.80
CA ASN A 167 -20.93 10.88 0.51
C ASN A 167 -21.81 11.18 1.73
N SER A 168 -23.01 11.68 1.47
CA SER A 168 -23.96 12.10 2.51
CA SER A 168 -23.91 12.11 2.54
C SER A 168 -24.36 10.98 3.48
N ASN A 169 -23.94 9.75 3.19
CA ASN A 169 -24.19 8.60 4.08
C ASN A 169 -22.84 7.96 4.50
N VAL A 170 -21.74 8.65 4.18
CA VAL A 170 -20.40 8.20 4.56
C VAL A 170 -19.89 9.09 5.69
N SER A 171 -19.38 8.46 6.75
CA SER A 171 -18.74 9.16 7.85
C SER A 171 -17.66 10.13 7.32
N GLY A 172 -17.63 11.32 7.90
CA GLY A 172 -16.82 12.38 7.35
C GLY A 172 -17.71 13.36 6.66
N PHE A 173 -18.93 12.95 6.35
CA PHE A 173 -19.89 13.88 5.78
C PHE A 173 -21.36 13.60 6.16
N LEU A 174 -21.54 12.84 7.22
CA LEU A 174 -22.84 12.54 7.78
C LEU A 174 -23.48 13.83 8.30
N PRO A 175 -24.83 13.95 8.15
CA PRO A 175 -25.55 15.04 8.82
C PRO A 175 -25.21 15.22 10.32
N VAL A 176 -25.06 14.13 11.08
CA VAL A 176 -24.73 14.24 12.50
C VAL A 176 -23.42 15.03 12.68
N GLU A 177 -22.38 14.55 12.01
CA GLU A 177 -21.03 15.14 12.02
C GLU A 177 -20.99 16.61 11.61
N ARG A 178 -21.57 16.93 10.46
CA ARG A 178 -21.63 18.33 9.99
C ARG A 178 -22.40 19.24 10.94
N ALA A 179 -23.33 18.64 11.70
CA ALA A 179 -24.19 19.41 12.62
C ALA A 179 -23.41 19.82 13.84
N TRP A 180 -22.56 18.93 14.33
CA TRP A 180 -21.62 19.28 15.41
C TRP A 180 -20.66 20.44 15.05
N ILE A 181 -20.19 20.51 13.81
CA ILE A 181 -19.33 21.64 13.41
C ILE A 181 -20.11 22.96 13.40
N ASP A 182 -21.33 22.95 12.88
CA ASP A 182 -22.25 24.09 13.05
C ASP A 182 -22.43 24.51 14.52
N LYS A 183 -22.66 23.53 15.38
CA LYS A 183 -22.80 23.74 16.80
C LYS A 183 -21.52 24.29 17.49
N PHE A 184 -20.40 23.63 17.22
CA PHE A 184 -19.08 24.13 17.60
C PHE A 184 -18.95 25.64 17.27
N ILE A 185 -19.14 26.01 15.99
CA ILE A 185 -19.08 27.42 15.53
C ILE A 185 -20.06 28.34 16.28
N GLU A 186 -21.31 27.89 16.42
CA GLU A 186 -22.35 28.58 17.20
C GLU A 186 -21.98 28.81 18.68
N ASN A 187 -21.08 27.97 19.22
CA ASN A 187 -20.46 28.19 20.54
C ASN A 187 -19.39 29.32 20.59
N GLY A 188 -19.17 30.00 19.48
CA GLY A 188 -18.25 31.14 19.43
C GLY A 188 -16.87 30.90 18.85
N TYR A 189 -16.76 29.96 17.93
CA TYR A 189 -15.49 29.65 17.28
C TYR A 189 -15.60 29.91 15.79
N VAL A 190 -14.48 30.27 15.18
CA VAL A 190 -14.45 30.66 13.77
C VAL A 190 -13.48 29.75 12.98
N ASP A 191 -13.97 29.26 11.84
CA ASP A 191 -13.19 28.57 10.80
C ASP A 191 -12.35 29.58 10.04
N THR A 192 -11.07 29.61 10.36
CA THR A 192 -10.21 30.72 9.97
C THR A 192 -9.94 30.78 8.48
N PHE A 193 -9.82 29.61 7.83
CA PHE A 193 -9.64 29.57 6.38
C PHE A 193 -10.79 30.31 5.66
N ARG A 194 -12.03 30.11 6.15
CA ARG A 194 -13.21 30.73 5.56
C ARG A 194 -13.38 32.21 5.96
N MET A 195 -12.42 32.75 6.70
CA MET A 195 -12.36 34.18 6.98
C MET A 195 -11.74 34.89 5.77
N PHE A 196 -10.93 34.16 5.00
CA PHE A 196 -10.14 34.76 3.91
C PHE A 196 -10.40 34.13 2.54
N ASN A 197 -10.97 32.93 2.50
CA ASN A 197 -11.19 32.21 1.24
C ASN A 197 -12.50 31.43 1.21
N SER A 198 -13.44 31.91 0.40
CA SER A 198 -14.78 31.33 0.30
C SER A 198 -14.97 30.40 -0.89
N ASP A 199 -13.87 30.04 -1.56
CA ASP A 199 -13.91 29.20 -2.77
C ASP A 199 -14.08 27.71 -2.53
N PRO A 200 -14.79 27.02 -3.47
CA PRO A 200 -14.81 25.58 -3.56
C PRO A 200 -13.44 25.09 -4.04
N GLY A 201 -13.25 23.77 -4.06
CA GLY A 201 -12.00 23.19 -4.51
C GLY A 201 -10.88 23.09 -3.48
N GLN A 202 -11.01 23.80 -2.35
CA GLN A 202 -9.93 23.88 -1.37
C GLN A 202 -9.95 22.70 -0.42
N TYR A 203 -9.02 21.78 -0.62
CA TYR A 203 -9.00 20.53 0.12
C TYR A 203 -7.66 20.31 0.85
N THR A 204 -7.68 19.41 1.83
CA THR A 204 -6.51 19.13 2.64
C THR A 204 -6.24 17.64 2.72
N TRP A 205 -7.18 16.85 2.20
CA TRP A 205 -7.03 15.40 2.10
C TRP A 205 -7.51 14.94 0.75
N TRP A 206 -6.96 13.81 0.29
CA TRP A 206 -7.34 13.16 -0.98
C TRP A 206 -7.04 11.70 -0.80
N SER A 207 -7.94 10.85 -1.29
CA SER A 207 -7.69 9.42 -1.30
C SER A 207 -6.43 9.12 -2.10
N TYR A 208 -5.68 8.11 -1.67
CA TYR A 208 -4.56 7.65 -2.46
C TYR A 208 -5.02 6.99 -3.78
N ARG A 209 -6.24 6.49 -3.82
CA ARG A 209 -6.78 5.81 -5.02
C ARG A 209 -7.23 6.79 -6.09
N THR A 210 -7.79 6.27 -7.18
CA THR A 210 -8.28 7.08 -8.34
C THR A 210 -7.25 8.12 -8.75
N ARG A 211 -6.04 7.89 -8.26
CA ARG A 211 -5.11 8.94 -7.83
C ARG A 211 -5.76 10.34 -7.78
N ALA A 212 -6.46 10.55 -6.66
CA ALA A 212 -7.46 11.61 -6.45
C ALA A 212 -6.86 12.99 -6.31
N ARG A 213 -5.63 13.06 -5.80
CA ARG A 213 -4.93 14.33 -5.61
C ARG A 213 -4.64 15.10 -6.91
N GLU A 214 -4.08 14.40 -7.91
CA GLU A 214 -3.92 14.92 -9.29
C GLU A 214 -5.25 15.47 -9.83
N ARG A 215 -6.30 14.68 -9.66
CA ARG A 215 -7.66 15.04 -10.06
C ARG A 215 -8.31 16.09 -9.15
N ASN A 216 -7.67 16.36 -8.01
CA ASN A 216 -8.19 17.27 -6.96
C ASN A 216 -9.59 16.88 -6.46
N VAL A 217 -9.79 15.59 -6.25
CA VAL A 217 -11.03 15.10 -5.74
C VAL A 217 -10.77 14.85 -4.26
N GLY A 218 -10.92 15.90 -3.46
CA GLY A 218 -10.57 15.82 -2.06
C GLY A 218 -11.58 16.35 -1.06
N TRP A 219 -11.19 16.25 0.20
CA TRP A 219 -11.96 16.77 1.33
C TRP A 219 -11.09 17.78 2.12
N ARG A 220 -11.72 18.86 2.59
CA ARG A 220 -11.15 19.70 3.68
C ARG A 220 -11.44 19.11 5.09
N LEU A 221 -10.47 18.34 5.59
CA LEU A 221 -10.57 17.69 6.88
C LEU A 221 -9.74 18.38 7.98
N ASP A 222 -8.92 19.35 7.58
CA ASP A 222 -7.98 19.98 8.47
C ASP A 222 -8.29 21.47 8.62
N TYR A 223 -8.47 21.88 9.88
CA TYR A 223 -8.92 23.24 10.20
C TYR A 223 -8.07 23.94 11.26
N PHE A 224 -8.00 25.26 11.17
CA PHE A 224 -7.65 26.09 12.29
C PHE A 224 -8.90 26.82 12.71
N PHE A 225 -9.33 26.61 13.95
CA PHE A 225 -10.41 27.37 14.58
C PHE A 225 -9.81 28.26 15.66
N VAL A 226 -10.41 29.43 15.85
CA VAL A 226 -10.10 30.32 16.98
C VAL A 226 -11.42 30.76 17.61
N ASN A 227 -11.38 31.09 18.89
CA ASN A 227 -12.51 31.74 19.56
C ASN A 227 -12.73 33.14 18.96
N GLU A 228 -13.99 33.55 18.88
CA GLU A 228 -14.41 34.83 18.29
C GLU A 228 -13.63 36.04 18.79
N GLU A 229 -13.47 36.13 20.10
CA GLU A 229 -12.77 37.23 20.75
C GLU A 229 -11.35 37.45 20.23
N PHE A 230 -10.75 36.42 19.64
CA PHE A 230 -9.32 36.42 19.30
C PHE A 230 -9.14 36.61 17.81
N LYS A 231 -10.24 36.59 17.05
CA LYS A 231 -10.18 36.49 15.59
C LYS A 231 -9.52 37.67 14.87
N GLY A 232 -9.42 38.81 15.53
CA GLY A 232 -8.70 39.96 14.99
C GLY A 232 -7.19 39.81 14.94
N LYS A 233 -6.62 38.84 15.66
CA LYS A 233 -5.17 38.59 15.60
C LYS A 233 -4.82 37.65 14.46
N VAL A 234 -5.84 37.09 13.80
CA VAL A 234 -5.61 36.21 12.65
C VAL A 234 -5.36 37.05 11.38
N LYS A 235 -4.18 36.93 10.80
CA LYS A 235 -3.82 37.62 9.56
C LYS A 235 -3.94 36.71 8.34
N ARG A 236 -3.65 35.43 8.52
CA ARG A 236 -3.58 34.49 7.40
C ARG A 236 -4.05 33.12 7.79
N SER A 237 -4.77 32.48 6.90
CA SER A 237 -5.08 31.09 7.10
C SER A 237 -5.09 30.43 5.75
N TRP A 238 -4.20 29.47 5.52
CA TRP A 238 -4.04 28.89 4.16
C TRP A 238 -3.75 27.40 4.10
N ILE A 239 -3.90 26.81 2.92
CA ILE A 239 -3.58 25.41 2.70
C ILE A 239 -2.26 25.28 1.93
N LEU A 240 -1.34 24.45 2.44
CA LEU A 240 -0.04 24.21 1.77
C LEU A 240 -0.15 23.04 0.79
N SER A 241 -0.85 23.28 -0.33
CA SER A 241 -1.32 22.18 -1.19
C SER A 241 -0.27 21.51 -2.08
N ASP A 242 0.85 22.20 -2.33
CA ASP A 242 2.01 21.63 -3.04
C ASP A 242 2.98 20.81 -2.15
N VAL A 243 2.65 20.64 -0.86
CA VAL A 243 3.50 19.84 0.05
C VAL A 243 2.99 18.41 0.05
N MET A 244 3.81 17.50 -0.47
CA MET A 244 3.39 16.13 -0.70
C MET A 244 3.93 15.27 0.42
N GLY A 245 3.72 13.96 0.34
CA GLY A 245 4.26 13.04 1.35
C GLY A 245 3.26 12.29 2.20
N SER A 246 2.08 12.86 2.37
CA SER A 246 1.01 12.19 3.12
C SER A 246 -0.28 12.33 2.32
N ASP A 247 -1.32 11.60 2.72
CA ASP A 247 -2.67 11.80 2.16
C ASP A 247 -3.32 13.13 2.55
N HIS A 248 -2.79 13.80 3.58
CA HIS A 248 -3.14 15.19 3.94
C HIS A 248 -2.01 16.14 3.54
N CYS A 249 -2.35 17.38 3.21
CA CYS A 249 -1.36 18.42 3.11
C CYS A 249 -1.41 19.23 4.40
N PRO A 250 -0.38 20.06 4.66
CA PRO A 250 -0.39 20.93 5.82
C PRO A 250 -1.31 22.12 5.64
N ILE A 251 -1.67 22.73 6.76
CA ILE A 251 -2.42 23.99 6.77
C ILE A 251 -1.63 24.98 7.60
N GLY A 252 -1.69 26.26 7.24
CA GLY A 252 -0.95 27.32 7.97
C GLY A 252 -1.82 28.40 8.62
N LEU A 253 -1.38 28.92 9.75
CA LEU A 253 -2.05 30.03 10.38
C LEU A 253 -0.98 31.01 10.74
N GLU A 254 -1.29 32.30 10.54
CA GLU A 254 -0.44 33.35 11.05
C GLU A 254 -1.22 34.27 11.94
N ILE A 255 -0.68 34.53 13.12
CA ILE A 255 -1.31 35.46 14.05
C ILE A 255 -0.40 36.63 14.37
N GLU A 256 -0.96 37.84 14.46
CA GLU A 256 -0.19 39.03 14.86
C GLU A 256 -0.49 39.39 16.32
N LEU A 257 0.56 39.42 17.13
CA LEU A 257 0.38 39.33 18.57
C LEU A 257 1.18 40.37 19.35
N LEU A 258 0.58 40.86 20.45
CA LEU A 258 1.37 41.43 21.57
C LEU A 258 0.84 40.92 22.91
N VAL B 3 2.44 -40.61 -9.18
CA VAL B 3 2.38 -39.24 -8.58
C VAL B 3 3.70 -38.43 -8.68
N LEU B 4 3.76 -37.54 -9.67
CA LEU B 4 4.89 -36.60 -9.83
C LEU B 4 4.51 -35.18 -9.38
N LYS B 5 5.27 -34.65 -8.41
CA LYS B 5 5.06 -33.31 -7.84
C LYS B 5 5.93 -32.22 -8.47
N ILE B 6 5.30 -31.20 -9.04
CA ILE B 6 6.02 -30.04 -9.56
C ILE B 6 5.71 -28.80 -8.73
N ILE B 7 6.75 -28.04 -8.39
CA ILE B 7 6.56 -26.78 -7.70
C ILE B 7 7.04 -25.59 -8.55
N SER B 8 6.21 -24.54 -8.62
CA SER B 8 6.56 -23.32 -9.34
C SER B 8 6.69 -22.15 -8.36
N TRP B 9 7.84 -21.47 -8.42
CA TRP B 9 8.06 -20.37 -7.51
C TRP B 9 8.83 -19.16 -8.12
N ASN B 10 8.16 -18.01 -8.15
CA ASN B 10 8.85 -16.74 -8.44
C ASN B 10 9.56 -16.29 -7.16
N VAL B 11 10.87 -16.19 -7.26
CA VAL B 11 11.75 -16.19 -6.12
C VAL B 11 12.30 -14.76 -5.84
N ASN B 12 11.88 -13.78 -6.67
CA ASN B 12 12.30 -12.36 -6.57
C ASN B 12 13.79 -12.20 -6.31
N GLY B 13 14.60 -13.04 -6.96
CA GLY B 13 16.04 -13.14 -6.73
C GLY B 13 16.44 -14.46 -6.09
N LEU B 14 17.32 -15.22 -6.72
CA LEU B 14 17.75 -16.49 -6.12
C LEU B 14 18.82 -16.35 -5.01
N ARG B 15 19.50 -15.20 -4.95
CA ARG B 15 20.44 -14.95 -3.86
C ARG B 15 19.69 -14.43 -2.63
N ALA B 16 18.67 -13.60 -2.85
CA ALA B 16 17.85 -13.05 -1.77
C ALA B 16 17.08 -14.14 -1.02
N VAL B 17 16.55 -15.10 -1.78
CA VAL B 17 15.79 -16.20 -1.19
C VAL B 17 16.72 -17.25 -0.57
N HIS B 18 17.95 -17.31 -1.06
CA HIS B 18 18.96 -18.22 -0.52
C HIS B 18 19.23 -17.85 0.94
N ARG B 19 19.14 -16.54 1.22
CA ARG B 19 19.08 -16.01 2.57
C ARG B 19 17.67 -16.16 3.16
N LYS B 20 17.30 -17.40 3.46
CA LYS B 20 16.09 -17.77 4.22
C LYS B 20 16.10 -19.28 4.44
N GLY B 21 16.92 -19.98 3.66
CA GLY B 21 16.93 -21.43 3.66
C GLY B 21 15.98 -21.95 2.59
N PHE B 22 16.04 -21.35 1.41
CA PHE B 22 15.40 -21.91 0.22
C PHE B 22 16.02 -23.28 -0.03
N LEU B 23 17.34 -23.36 0.18
CA LEU B 23 18.09 -24.60 0.06
C LEU B 23 17.62 -25.64 1.08
N LYS B 24 17.20 -25.17 2.25
CA LYS B 24 16.70 -26.04 3.30
C LYS B 24 15.25 -26.41 3.04
N TRP B 25 14.46 -25.46 2.57
CA TRP B 25 13.10 -25.73 2.09
C TRP B 25 13.10 -26.75 0.94
N PHE B 26 14.03 -26.56 0.01
CA PHE B 26 14.15 -27.38 -1.19
C PHE B 26 14.52 -28.85 -0.89
N MET B 27 15.29 -29.10 0.15
CA MET B 27 15.49 -30.49 0.62
C MET B 27 14.47 -30.94 1.66
N GLU B 28 13.87 -29.98 2.37
CA GLU B 28 12.78 -30.20 3.33
C GLU B 28 11.43 -30.41 2.62
N GLU B 29 11.44 -30.28 1.30
CA GLU B 29 10.27 -30.38 0.45
C GLU B 29 10.84 -30.72 -0.89
N LYS B 30 10.93 -32.01 -1.19
CA LYS B 30 11.70 -32.47 -2.35
C LYS B 30 10.79 -32.77 -3.55
N PRO B 31 10.67 -31.80 -4.48
CA PRO B 31 9.87 -32.04 -5.68
C PRO B 31 10.64 -32.82 -6.72
N ASP B 32 9.93 -33.43 -7.65
CA ASP B 32 10.58 -34.09 -8.78
C ASP B 32 11.15 -33.01 -9.69
N ILE B 33 10.36 -31.95 -9.87
CA ILE B 33 10.75 -30.80 -10.67
C ILE B 33 10.44 -29.51 -9.90
N LEU B 34 11.49 -28.71 -9.72
CA LEU B 34 11.34 -27.36 -9.21
C LEU B 34 11.54 -26.35 -10.35
N CYS B 35 10.54 -25.48 -10.54
CA CYS B 35 10.57 -24.41 -11.54
C CYS B 35 10.66 -23.03 -10.85
N LEU B 36 11.73 -22.31 -11.13
CA LEU B 36 11.96 -21.00 -10.51
C LEU B 36 11.98 -19.89 -11.54
N GLN B 37 11.26 -18.81 -11.23
CA GLN B 37 11.26 -17.59 -12.03
C GLN B 37 11.97 -16.46 -11.27
N GLU B 38 12.56 -15.53 -12.04
CA GLU B 38 13.27 -14.34 -11.54
C GLU B 38 14.52 -14.70 -10.72
N ILE B 39 15.47 -15.35 -11.37
CA ILE B 39 16.73 -15.76 -10.75
C ILE B 39 17.63 -14.55 -10.45
N LYS B 40 17.62 -13.58 -11.37
CA LYS B 40 18.31 -12.28 -11.26
C LYS B 40 19.80 -12.38 -11.00
N ALA B 41 20.48 -13.31 -11.64
CA ALA B 41 21.88 -13.58 -11.29
C ALA B 41 22.62 -14.33 -12.37
N ALA B 42 23.90 -13.97 -12.50
CA ALA B 42 24.85 -14.72 -13.32
C ALA B 42 25.01 -16.09 -12.68
N PRO B 43 24.51 -17.16 -13.35
CA PRO B 43 24.49 -18.45 -12.69
C PRO B 43 25.88 -19.02 -12.44
N GLU B 44 26.88 -18.55 -13.17
CA GLU B 44 28.27 -18.95 -12.93
C GLU B 44 28.89 -18.26 -11.70
N GLN B 45 28.20 -17.26 -11.17
CA GLN B 45 28.58 -16.63 -9.90
C GLN B 45 27.60 -17.01 -8.78
N LEU B 46 26.81 -18.06 -9.02
CA LEU B 46 26.00 -18.66 -7.97
C LEU B 46 26.85 -19.69 -7.25
N PRO B 47 26.59 -19.89 -5.94
CA PRO B 47 27.33 -20.90 -5.19
C PRO B 47 27.36 -22.26 -5.90
N ARG B 48 28.51 -22.93 -5.87
CA ARG B 48 28.63 -24.32 -6.32
C ARG B 48 27.46 -25.18 -5.81
N LYS B 49 27.08 -24.96 -4.56
CA LYS B 49 26.02 -25.73 -3.92
C LYS B 49 24.64 -25.29 -4.34
N LEU B 50 24.55 -24.08 -4.88
CA LEU B 50 23.28 -23.59 -5.42
C LEU B 50 23.03 -24.08 -6.86
N ARG B 51 24.06 -24.16 -7.70
CA ARG B 51 23.87 -24.78 -9.02
C ARG B 51 23.77 -26.31 -8.90
N HIS B 52 24.80 -26.93 -8.31
CA HIS B 52 24.92 -28.39 -8.22
C HIS B 52 24.34 -28.98 -6.93
N VAL B 53 23.01 -29.06 -6.86
CA VAL B 53 22.30 -29.71 -5.75
C VAL B 53 22.26 -31.23 -5.94
N GLU B 54 22.49 -31.95 -4.85
CA GLU B 54 22.59 -33.42 -4.84
C GLU B 54 21.24 -34.07 -5.13
N GLY B 55 21.23 -34.85 -6.21
CA GLY B 55 20.01 -35.52 -6.68
C GLY B 55 19.38 -34.83 -7.86
N TYR B 56 19.86 -33.62 -8.15
CA TYR B 56 19.25 -32.75 -9.15
C TYR B 56 20.21 -32.31 -10.26
N ARG B 57 19.72 -32.42 -11.48
CA ARG B 57 20.27 -31.70 -12.62
C ARG B 57 19.62 -30.30 -12.59
N SER B 58 20.44 -29.26 -12.64
CA SER B 58 19.93 -27.88 -12.67
C SER B 58 20.09 -27.25 -14.05
N PHE B 59 19.17 -26.37 -14.39
CA PHE B 59 19.17 -25.74 -15.70
C PHE B 59 18.82 -24.28 -15.52
N PHE B 60 19.75 -23.39 -15.86
CA PHE B 60 19.56 -21.95 -15.73
C PHE B 60 19.41 -21.28 -17.09
N THR B 61 18.35 -20.47 -17.25
CA THR B 61 18.13 -19.67 -18.47
C THR B 61 18.16 -18.19 -18.10
N PRO B 62 19.38 -17.61 -18.07
CA PRO B 62 19.56 -16.21 -17.62
C PRO B 62 19.20 -15.18 -18.68
N ALA B 63 18.86 -13.97 -18.27
CA ALA B 63 18.62 -12.88 -19.22
C ALA B 63 19.95 -12.35 -19.74
N GLU B 64 19.93 -11.71 -20.92
CA GLU B 64 21.07 -10.91 -21.38
C GLU B 64 21.41 -9.78 -20.40
N ARG B 65 20.40 -9.05 -19.93
CA ARG B 65 20.59 -7.98 -18.94
C ARG B 65 20.97 -8.50 -17.57
N LYS B 66 22.03 -7.92 -17.00
CA LYS B 66 22.51 -8.27 -15.66
C LYS B 66 21.46 -8.04 -14.56
N GLY B 67 21.43 -8.93 -13.56
CA GLY B 67 20.57 -8.80 -12.38
C GLY B 67 19.09 -8.68 -12.69
N TYR B 68 18.67 -9.30 -13.78
CA TYR B 68 17.33 -9.12 -14.28
C TYR B 68 16.70 -10.44 -14.70
N SER B 69 15.45 -10.65 -14.33
CA SER B 69 14.69 -11.78 -14.84
C SER B 69 15.45 -13.09 -14.62
N GLY B 70 15.33 -14.03 -15.57
CA GLY B 70 16.00 -15.32 -15.51
C GLY B 70 15.13 -16.40 -14.92
N VAL B 71 15.25 -17.62 -15.46
CA VAL B 71 14.52 -18.81 -14.97
C VAL B 71 15.44 -19.99 -14.71
N ALA B 72 15.03 -20.86 -13.79
CA ALA B 72 15.79 -22.03 -13.41
C ALA B 72 14.88 -23.23 -13.29
N MET B 73 15.43 -24.41 -13.60
CA MET B 73 14.73 -25.67 -13.35
C MET B 73 15.67 -26.72 -12.69
N TYR B 74 15.20 -27.30 -11.59
CA TYR B 74 15.91 -28.37 -10.90
C TYR B 74 15.15 -29.66 -11.09
N THR B 75 15.80 -30.69 -11.60
CA THR B 75 15.07 -31.92 -11.91
C THR B 75 15.79 -33.22 -11.52
N LYS B 76 15.08 -34.10 -10.80
CA LYS B 76 15.58 -35.45 -10.48
C LYS B 76 15.80 -36.23 -11.76
N VAL B 77 14.78 -36.24 -12.62
CA VAL B 77 14.91 -36.82 -13.95
C VAL B 77 15.18 -35.72 -14.97
N PRO B 78 16.37 -35.74 -15.61
CA PRO B 78 16.68 -34.68 -16.55
C PRO B 78 15.82 -34.85 -17.80
N PRO B 79 15.41 -33.74 -18.44
CA PRO B 79 14.59 -33.86 -19.64
C PRO B 79 15.40 -34.41 -20.80
N SER B 80 14.75 -34.74 -21.91
CA SER B 80 15.51 -35.17 -23.09
C SER B 80 15.93 -34.00 -23.97
N SER B 81 15.21 -32.87 -23.85
CA SER B 81 15.60 -31.60 -24.47
C SER B 81 15.07 -30.44 -23.66
N LEU B 82 15.76 -29.30 -23.81
CA LEU B 82 15.35 -28.07 -23.17
C LEU B 82 15.40 -26.99 -24.24
N ARG B 83 14.26 -26.35 -24.45
CA ARG B 83 14.14 -25.23 -25.38
C ARG B 83 13.96 -23.93 -24.58
N GLU B 84 14.67 -22.87 -25.01
CA GLU B 84 14.80 -21.62 -24.24
C GLU B 84 14.28 -20.41 -24.98
N GLY B 85 13.31 -20.59 -25.86
CA GLY B 85 12.81 -19.48 -26.64
C GLY B 85 11.78 -19.90 -27.65
N PHE B 86 10.96 -18.94 -28.07
CA PHE B 86 9.89 -19.19 -29.03
C PHE B 86 10.38 -19.10 -30.47
N GLY B 87 11.66 -18.76 -30.65
CA GLY B 87 12.18 -18.50 -31.99
C GLY B 87 11.80 -17.09 -32.44
N VAL B 88 11.69 -16.18 -31.45
CA VAL B 88 11.36 -14.75 -31.69
C VAL B 88 12.30 -13.94 -30.81
N GLU B 89 13.24 -13.24 -31.44
CA GLU B 89 14.47 -12.76 -30.76
C GLU B 89 14.32 -11.89 -29.50
N ARG B 90 13.44 -10.89 -29.57
CA ARG B 90 13.18 -9.97 -28.47
C ARG B 90 12.45 -10.68 -27.32
N PHE B 91 11.92 -11.87 -27.58
CA PHE B 91 11.21 -12.59 -26.54
C PHE B 91 12.14 -13.57 -25.88
N ASP B 92 13.27 -13.85 -26.53
CA ASP B 92 14.08 -15.00 -26.19
C ASP B 92 15.36 -14.59 -25.49
N THR B 93 15.55 -13.28 -25.36
CA THR B 93 16.76 -12.75 -24.76
C THR B 93 16.56 -12.23 -23.34
N GLU B 94 15.32 -12.31 -22.85
CA GLU B 94 14.97 -11.81 -21.50
C GLU B 94 14.96 -12.86 -20.36
N GLY B 95 15.42 -14.07 -20.63
CA GLY B 95 15.53 -15.15 -19.62
C GLY B 95 14.19 -15.59 -19.09
N ARG B 96 13.21 -15.68 -19.98
CA ARG B 96 11.85 -15.90 -19.53
C ARG B 96 11.28 -17.30 -19.80
N ILE B 97 11.97 -18.11 -20.60
CA ILE B 97 11.37 -19.28 -21.24
C ILE B 97 12.20 -20.55 -21.06
N GLN B 98 11.60 -21.54 -20.38
CA GLN B 98 12.11 -22.90 -20.42
C GLN B 98 11.02 -23.87 -20.83
N ILE B 99 11.32 -24.67 -21.85
CA ILE B 99 10.38 -25.67 -22.36
C ILE B 99 11.10 -27.04 -22.29
N ALA B 100 10.79 -27.83 -21.25
CA ALA B 100 11.46 -29.11 -21.00
C ALA B 100 10.60 -30.28 -21.47
N ASP B 101 11.19 -31.15 -22.30
CA ASP B 101 10.50 -32.38 -22.76
C ASP B 101 10.80 -33.51 -21.78
N PHE B 102 9.80 -33.88 -20.98
CA PHE B 102 9.93 -35.02 -20.05
C PHE B 102 9.31 -36.28 -20.63
N ASP B 103 9.30 -36.34 -21.96
CA ASP B 103 8.70 -37.38 -22.78
C ASP B 103 7.21 -37.56 -22.54
N ASP B 104 6.84 -37.81 -21.30
CA ASP B 104 5.44 -37.96 -20.92
C ASP B 104 4.65 -36.65 -20.95
N PHE B 105 5.37 -35.54 -21.11
CA PHE B 105 4.80 -34.18 -21.20
C PHE B 105 5.89 -33.16 -21.48
N LEU B 106 5.52 -32.03 -22.07
CA LEU B 106 6.38 -30.83 -22.06
C LEU B 106 6.05 -29.94 -20.87
N LEU B 107 7.08 -29.38 -20.25
CA LEU B 107 6.90 -28.40 -19.17
C LEU B 107 7.38 -27.00 -19.58
N TYR B 108 6.46 -26.06 -19.67
CA TYR B 108 6.80 -24.65 -19.94
C TYR B 108 7.03 -23.95 -18.62
N ASN B 109 8.27 -23.54 -18.38
CA ASN B 109 8.62 -22.70 -17.22
C ASN B 109 8.86 -21.26 -17.70
N ILE B 110 7.82 -20.42 -17.51
CA ILE B 110 7.74 -19.08 -18.07
C ILE B 110 7.58 -17.99 -16.98
N TYR B 111 8.49 -17.03 -17.01
CA TYR B 111 8.34 -15.76 -16.31
C TYR B 111 7.75 -14.70 -17.27
N PHE B 112 6.43 -14.47 -17.20
CA PHE B 112 5.78 -13.56 -18.14
C PHE B 112 6.13 -12.11 -17.82
N PRO B 113 6.23 -11.25 -18.86
CA PRO B 113 6.59 -9.87 -18.59
C PRO B 113 5.57 -9.19 -17.69
N ASN B 114 6.06 -8.19 -16.99
CA ASN B 114 5.26 -7.29 -16.19
C ASN B 114 5.06 -6.05 -17.04
N GLY B 115 3.81 -5.57 -17.13
CA GLY B 115 3.54 -4.35 -17.90
C GLY B 115 3.45 -3.03 -17.15
N LYS B 116 3.72 -3.03 -15.85
CA LYS B 116 3.38 -1.87 -15.01
C LYS B 116 4.24 -0.60 -15.26
N MET B 117 5.44 -0.76 -15.83
CA MET B 117 6.40 0.36 -15.89
C MET B 117 6.18 1.34 -17.02
N SER B 118 5.71 0.87 -18.18
CA SER B 118 5.46 1.74 -19.33
C SER B 118 4.49 1.10 -20.32
N GLU B 119 3.99 1.93 -21.24
CA GLU B 119 3.18 1.49 -22.37
C GLU B 119 3.93 0.49 -23.27
N GLU B 120 5.22 0.76 -23.51
CA GLU B 120 6.07 -0.15 -24.30
C GLU B 120 6.16 -1.57 -23.68
N ARG B 121 6.25 -1.65 -22.35
CA ARG B 121 6.35 -2.94 -21.66
C ARG B 121 4.99 -3.65 -21.61
N LEU B 122 3.91 -2.88 -21.50
CA LEU B 122 2.59 -3.46 -21.63
C LEU B 122 2.41 -4.07 -23.03
N LYS B 123 2.72 -3.30 -24.06
CA LYS B 123 2.71 -3.79 -25.44
C LYS B 123 3.58 -5.03 -25.61
N TYR B 124 4.79 -4.99 -25.06
CA TYR B 124 5.71 -6.14 -25.07
C TYR B 124 5.10 -7.39 -24.38
N LYS B 125 4.44 -7.19 -23.25
CA LYS B 125 3.84 -8.26 -22.47
C LYS B 125 2.71 -8.96 -23.25
N LEU B 126 1.91 -8.16 -23.95
CA LEU B 126 0.79 -8.61 -24.75
C LEU B 126 1.25 -9.37 -25.99
N GLU B 127 2.24 -8.84 -26.69
CA GLU B 127 2.83 -9.58 -27.82
C GLU B 127 3.54 -10.90 -27.40
N PHE B 128 4.27 -10.86 -26.27
CA PHE B 128 4.79 -12.06 -25.59
C PHE B 128 3.64 -13.06 -25.28
N TYR B 129 2.50 -12.54 -24.82
CA TYR B 129 1.33 -13.38 -24.63
C TYR B 129 0.95 -14.16 -25.93
N ASP B 130 0.89 -13.43 -27.05
CA ASP B 130 0.61 -13.98 -28.39
C ASP B 130 1.62 -15.02 -28.89
N ALA B 131 2.91 -14.68 -28.83
CA ALA B 131 3.97 -15.59 -29.23
C ALA B 131 3.88 -16.91 -28.43
N PHE B 132 3.70 -16.81 -27.12
CA PHE B 132 3.57 -17.98 -26.25
C PHE B 132 2.40 -18.86 -26.65
N LEU B 133 1.23 -18.25 -26.84
CA LEU B 133 0.02 -18.99 -27.19
C LEU B 133 0.22 -19.73 -28.51
N GLU B 134 0.75 -19.05 -29.52
CA GLU B 134 1.14 -19.71 -30.76
C GLU B 134 2.08 -20.88 -30.52
N ASP B 135 3.10 -20.68 -29.68
CA ASP B 135 4.03 -21.77 -29.35
C ASP B 135 3.33 -23.00 -28.76
N VAL B 136 2.60 -22.80 -27.66
CA VAL B 136 1.94 -23.89 -26.96
C VAL B 136 0.81 -24.55 -27.79
N ASN B 137 0.09 -23.75 -28.57
CA ASN B 137 -0.89 -24.30 -29.51
C ASN B 137 -0.28 -25.26 -30.53
N ARG B 138 0.88 -24.89 -31.06
CA ARG B 138 1.65 -25.67 -32.00
C ARG B 138 2.17 -26.98 -31.41
N GLU B 139 2.76 -26.95 -30.20
CA GLU B 139 3.12 -28.18 -29.47
C GLU B 139 1.91 -29.05 -29.14
N ARG B 140 0.88 -28.46 -28.55
CA ARG B 140 -0.37 -29.18 -28.26
C ARG B 140 -0.97 -29.84 -29.53
N ASP B 141 -0.93 -29.13 -30.67
CA ASP B 141 -1.41 -29.67 -31.93
C ASP B 141 -0.56 -30.79 -32.50
N SER B 142 0.74 -30.81 -32.15
CA SER B 142 1.63 -31.91 -32.51
C SER B 142 1.36 -33.13 -31.61
N GLY B 143 0.36 -32.99 -30.75
CA GLY B 143 -0.12 -34.08 -29.90
C GLY B 143 0.40 -34.14 -28.49
N ARG B 144 1.36 -33.29 -28.16
CA ARG B 144 2.03 -33.31 -26.84
C ARG B 144 1.12 -33.01 -25.67
N ASN B 145 1.34 -33.72 -24.56
CA ASN B 145 0.83 -33.30 -23.24
C ASN B 145 1.67 -32.10 -22.70
N VAL B 146 0.99 -31.02 -22.30
CA VAL B 146 1.71 -29.78 -21.92
C VAL B 146 1.32 -29.28 -20.55
N ILE B 147 2.34 -29.05 -19.72
CA ILE B 147 2.13 -28.36 -18.46
C ILE B 147 2.78 -26.98 -18.60
N ILE B 148 2.05 -25.93 -18.26
CA ILE B 148 2.60 -24.58 -18.29
C ILE B 148 2.58 -24.00 -16.89
N CYS B 149 3.74 -23.71 -16.35
CA CYS B 149 3.71 -23.04 -15.05
C CYS B 149 4.46 -21.70 -15.07
N GLY B 150 4.10 -20.86 -14.10
CA GLY B 150 4.88 -19.70 -13.74
C GLY B 150 4.06 -18.48 -13.47
N ASP B 151 4.75 -17.35 -13.52
CA ASP B 151 4.20 -16.04 -13.22
C ASP B 151 3.61 -15.41 -14.48
N PHE B 152 2.29 -15.42 -14.55
CA PHE B 152 1.53 -14.80 -15.66
C PHE B 152 1.42 -13.28 -15.52
N ASN B 153 1.67 -12.78 -14.30
CA ASN B 153 1.58 -11.33 -14.06
C ASN B 153 0.21 -10.73 -14.33
N THR B 154 -0.83 -11.59 -14.31
CA THR B 154 -2.22 -11.19 -14.49
C THR B 154 -3.07 -12.09 -13.60
N ALA B 155 -4.01 -11.47 -12.90
CA ALA B 155 -5.07 -12.17 -12.20
C ALA B 155 -6.21 -12.14 -13.17
N HIS B 156 -6.87 -13.28 -13.32
CA HIS B 156 -7.84 -13.47 -14.40
C HIS B 156 -9.19 -12.83 -14.11
N ARG B 157 -9.73 -13.13 -12.92
CA ARG B 157 -11.05 -12.68 -12.54
C ARG B 157 -11.02 -11.99 -11.19
N GLU B 158 -12.07 -11.22 -10.90
CA GLU B 158 -12.15 -10.44 -9.64
C GLU B 158 -11.83 -11.27 -8.39
N ILE B 159 -12.16 -12.57 -8.45
CA ILE B 159 -11.91 -13.52 -7.35
C ILE B 159 -10.41 -13.70 -7.06
N ASP B 160 -9.59 -13.40 -8.08
CA ASP B 160 -8.15 -13.69 -8.08
C ASP B 160 -7.25 -12.59 -7.51
N LEU B 161 -7.84 -11.44 -7.17
CA LEU B 161 -7.13 -10.41 -6.40
C LEU B 161 -8.03 -9.79 -5.31
N ALA B 162 -7.40 -9.14 -4.33
CA ALA B 162 -8.11 -8.50 -3.20
C ALA B 162 -8.80 -7.19 -3.59
N ARG B 163 -8.17 -6.41 -4.46
CA ARG B 163 -8.68 -5.10 -4.85
C ARG B 163 -8.96 -4.99 -6.36
N PRO B 164 -10.03 -5.64 -6.84
CA PRO B 164 -10.38 -5.61 -8.26
C PRO B 164 -10.73 -4.23 -8.82
N LYS B 165 -11.35 -3.40 -7.96
CA LYS B 165 -11.90 -2.11 -8.38
C LYS B 165 -10.83 -1.08 -8.67
N GLU B 166 -9.89 -0.89 -7.75
CA GLU B 166 -8.81 0.10 -7.91
C GLU B 166 -7.74 -0.31 -8.92
N ASN B 167 -7.74 -1.59 -9.28
CA ASN B 167 -6.71 -2.15 -10.15
C ASN B 167 -7.17 -2.44 -11.58
N SER B 168 -8.39 -2.05 -11.91
CA SER B 168 -8.95 -2.33 -13.24
C SER B 168 -8.31 -1.47 -14.36
N ASN B 169 -7.49 -0.51 -13.96
CA ASN B 169 -6.74 0.34 -14.90
C ASN B 169 -5.24 0.13 -14.72
N VAL B 170 -4.89 -0.71 -13.75
CA VAL B 170 -3.53 -1.20 -13.54
C VAL B 170 -3.26 -2.51 -14.30
N SER B 171 -2.24 -2.48 -15.17
CA SER B 171 -1.66 -3.69 -15.79
C SER B 171 -1.39 -4.79 -14.74
N GLY B 172 -1.92 -5.98 -15.03
CA GLY B 172 -2.09 -7.05 -14.06
C GLY B 172 -3.58 -7.35 -13.89
N PHE B 173 -4.41 -6.40 -14.32
CA PHE B 173 -5.86 -6.55 -14.27
C PHE B 173 -6.61 -5.68 -15.30
N LEU B 174 -5.99 -5.43 -16.46
CA LEU B 174 -6.63 -4.71 -17.56
C LEU B 174 -7.61 -5.63 -18.31
N PRO B 175 -8.64 -5.05 -18.97
CA PRO B 175 -9.57 -5.93 -19.68
C PRO B 175 -8.90 -6.66 -20.85
N VAL B 176 -7.84 -6.03 -21.39
CA VAL B 176 -7.06 -6.59 -22.49
C VAL B 176 -6.20 -7.77 -22.02
N GLU B 177 -5.80 -7.76 -20.75
CA GLU B 177 -4.94 -8.83 -20.22
C GLU B 177 -5.75 -10.03 -19.77
N ARG B 178 -6.86 -9.72 -19.08
CA ARG B 178 -7.87 -10.67 -18.65
C ARG B 178 -8.54 -11.43 -19.80
N ALA B 179 -8.81 -10.74 -20.91
CA ALA B 179 -9.39 -11.35 -22.11
C ALA B 179 -8.45 -12.38 -22.77
N TRP B 180 -7.15 -12.09 -22.75
CA TRP B 180 -6.16 -13.03 -23.24
C TRP B 180 -6.14 -14.30 -22.39
N ILE B 181 -6.33 -14.17 -21.08
CA ILE B 181 -6.43 -15.39 -20.27
C ILE B 181 -7.68 -16.19 -20.64
N ASP B 182 -8.75 -15.50 -21.01
CA ASP B 182 -9.96 -16.10 -21.57
C ASP B 182 -9.68 -16.83 -22.88
N LYS B 183 -9.03 -16.12 -23.81
CA LYS B 183 -8.66 -16.66 -25.10
C LYS B 183 -7.70 -17.86 -25.01
N PHE B 184 -6.74 -17.80 -24.09
CA PHE B 184 -5.81 -18.91 -23.82
C PHE B 184 -6.56 -20.18 -23.36
N ILE B 185 -7.37 -20.04 -22.31
CA ILE B 185 -8.18 -21.12 -21.75
C ILE B 185 -9.17 -21.70 -22.77
N GLU B 186 -9.71 -20.83 -23.62
CA GLU B 186 -10.67 -21.24 -24.62
C GLU B 186 -10.02 -21.82 -25.87
N ASN B 187 -8.70 -21.81 -25.91
CA ASN B 187 -7.95 -22.58 -26.91
C ASN B 187 -7.73 -24.03 -26.42
N GLY B 188 -8.28 -24.35 -25.25
CA GLY B 188 -8.29 -25.73 -24.76
C GLY B 188 -7.27 -25.99 -23.69
N TYR B 189 -7.16 -25.05 -22.76
CA TYR B 189 -6.19 -25.15 -21.67
C TYR B 189 -6.90 -24.88 -20.35
N VAL B 190 -6.38 -25.44 -19.26
CA VAL B 190 -7.15 -25.48 -18.03
C VAL B 190 -6.39 -24.93 -16.84
N ASP B 191 -6.98 -23.93 -16.18
CA ASP B 191 -6.43 -23.36 -14.95
C ASP B 191 -6.57 -24.42 -13.87
N THR B 192 -5.50 -25.14 -13.57
CA THR B 192 -5.60 -26.29 -12.66
C THR B 192 -6.10 -25.97 -11.25
N PHE B 193 -5.68 -24.85 -10.67
CA PHE B 193 -6.07 -24.52 -9.29
C PHE B 193 -7.58 -24.48 -9.12
N ARG B 194 -8.24 -23.85 -10.09
CA ARG B 194 -9.68 -23.62 -10.08
C ARG B 194 -10.55 -24.86 -10.25
N MET B 195 -9.94 -26.02 -10.51
CA MET B 195 -10.69 -27.29 -10.57
C MET B 195 -10.59 -28.07 -9.26
N PHE B 196 -10.04 -27.43 -8.23
CA PHE B 196 -10.02 -27.99 -6.88
C PHE B 196 -10.44 -26.96 -5.82
N ASN B 197 -10.24 -25.68 -6.12
CA ASN B 197 -10.53 -24.61 -5.17
C ASN B 197 -11.20 -23.44 -5.87
N SER B 198 -12.39 -23.10 -5.38
CA SER B 198 -13.26 -22.07 -5.98
C SER B 198 -13.46 -20.87 -5.06
N ASP B 199 -12.69 -20.84 -3.98
CA ASP B 199 -12.82 -19.82 -2.96
C ASP B 199 -12.11 -18.51 -3.34
N PRO B 200 -12.61 -17.37 -2.82
CA PRO B 200 -11.87 -16.12 -2.87
C PRO B 200 -10.73 -16.14 -1.85
N GLY B 201 -9.88 -15.12 -1.91
CA GLY B 201 -8.78 -14.96 -0.96
C GLY B 201 -7.63 -15.91 -1.17
N GLN B 202 -7.58 -16.52 -2.36
CA GLN B 202 -6.50 -17.44 -2.73
C GLN B 202 -5.54 -16.69 -3.63
N TYR B 203 -4.36 -16.38 -3.09
CA TYR B 203 -3.38 -15.51 -3.78
C TYR B 203 -1.99 -16.12 -3.77
N THR B 204 -1.17 -15.72 -4.74
CA THR B 204 0.25 -16.15 -4.83
C THR B 204 1.26 -15.01 -4.69
N TRP B 205 0.81 -13.77 -4.89
CA TRP B 205 1.66 -12.58 -4.72
C TRP B 205 1.03 -11.53 -3.80
N TRP B 206 1.88 -10.87 -3.03
CA TRP B 206 1.45 -9.77 -2.16
C TRP B 206 2.46 -8.65 -2.18
N SER B 207 1.94 -7.43 -2.24
CA SER B 207 2.79 -6.24 -2.12
C SER B 207 3.58 -6.27 -0.81
N TYR B 208 4.85 -5.91 -0.87
CA TYR B 208 5.65 -5.80 0.34
C TYR B 208 5.12 -4.63 1.15
N ARG B 209 4.91 -3.51 0.48
CA ARG B 209 4.40 -2.27 1.10
C ARG B 209 3.06 -2.48 1.83
N THR B 210 3.07 -2.23 3.14
CA THR B 210 1.88 -2.06 4.01
C THR B 210 1.20 -3.33 4.59
N ARG B 211 2.03 -4.24 5.11
CA ARG B 211 1.54 -5.48 5.77
C ARG B 211 0.82 -6.43 4.81
N ALA B 212 0.73 -6.05 3.53
CA ALA B 212 -0.13 -6.70 2.53
C ALA B 212 -0.37 -8.20 2.71
N ARG B 213 0.70 -8.98 2.84
CA ARG B 213 0.58 -10.43 3.03
C ARG B 213 -0.07 -10.78 4.38
N GLU B 214 0.45 -10.17 5.44
CA GLU B 214 -0.08 -10.30 6.82
C GLU B 214 -1.53 -9.88 6.91
N ARG B 215 -1.98 -9.03 5.99
CA ARG B 215 -3.39 -8.70 5.84
C ARG B 215 -4.11 -9.43 4.70
N ASN B 216 -3.38 -10.24 3.94
CA ASN B 216 -3.88 -10.98 2.77
C ASN B 216 -4.48 -10.07 1.67
N VAL B 217 -3.79 -8.97 1.38
CA VAL B 217 -4.12 -8.17 0.21
C VAL B 217 -3.14 -8.63 -0.87
N GLY B 218 -3.61 -9.55 -1.70
CA GLY B 218 -2.75 -10.14 -2.72
C GLY B 218 -3.41 -10.34 -4.07
N TRP B 219 -2.70 -11.02 -4.96
CA TRP B 219 -3.18 -11.35 -6.29
C TRP B 219 -2.80 -12.79 -6.54
N ARG B 220 -3.62 -13.48 -7.31
CA ARG B 220 -3.17 -14.75 -7.88
C ARG B 220 -2.60 -14.46 -9.26
N LEU B 221 -1.28 -14.53 -9.35
CA LEU B 221 -0.55 -14.19 -10.57
C LEU B 221 0.22 -15.40 -11.09
N ASP B 222 0.29 -16.44 -10.26
CA ASP B 222 0.98 -17.68 -10.62
C ASP B 222 -0.04 -18.81 -10.82
N TYR B 223 0.16 -19.63 -11.85
CA TYR B 223 -0.84 -20.60 -12.31
C TYR B 223 -0.18 -21.88 -12.75
N PHE B 224 -0.92 -22.99 -12.62
CA PHE B 224 -0.58 -24.22 -13.32
C PHE B 224 -1.70 -24.46 -14.34
N PHE B 225 -1.31 -24.52 -15.61
CA PHE B 225 -2.22 -24.82 -16.71
C PHE B 225 -1.80 -26.11 -17.37
N VAL B 226 -2.79 -26.88 -17.83
CA VAL B 226 -2.59 -28.07 -18.68
C VAL B 226 -3.53 -28.01 -19.88
N ASN B 227 -3.13 -28.63 -20.99
CA ASN B 227 -4.04 -28.83 -22.11
C ASN B 227 -5.29 -29.64 -21.69
N GLU B 228 -6.44 -29.29 -22.25
CA GLU B 228 -7.71 -29.96 -21.92
C GLU B 228 -7.62 -31.50 -21.87
N GLU B 229 -7.02 -32.12 -22.90
CA GLU B 229 -6.89 -33.59 -23.02
C GLU B 229 -6.25 -34.22 -21.81
N PHE B 230 -5.33 -33.48 -21.20
CA PHE B 230 -4.40 -34.01 -20.21
C PHE B 230 -4.90 -33.78 -18.79
N LYS B 231 -5.95 -32.96 -18.65
CA LYS B 231 -6.42 -32.52 -17.34
C LYS B 231 -6.84 -33.67 -16.42
N GLY B 232 -7.33 -34.77 -17.01
CA GLY B 232 -7.68 -35.98 -16.26
C GLY B 232 -6.57 -36.53 -15.37
N LYS B 233 -5.31 -36.23 -15.73
CA LYS B 233 -4.15 -36.73 -14.98
C LYS B 233 -3.67 -35.83 -13.85
N VAL B 234 -4.29 -34.67 -13.69
CA VAL B 234 -3.93 -33.76 -12.59
C VAL B 234 -4.60 -34.18 -11.28
N LYS B 235 -3.79 -34.62 -10.32
CA LYS B 235 -4.28 -35.03 -9.02
C LYS B 235 -4.50 -33.85 -8.06
N ARG B 236 -3.46 -33.06 -7.84
CA ARG B 236 -3.56 -31.86 -6.99
C ARG B 236 -2.95 -30.60 -7.61
N SER B 237 -3.62 -29.47 -7.40
CA SER B 237 -3.07 -28.14 -7.66
C SER B 237 -3.32 -27.23 -6.46
N TRP B 238 -2.24 -26.79 -5.80
CA TRP B 238 -2.35 -26.00 -4.56
C TRP B 238 -1.40 -24.78 -4.42
N ILE B 239 -1.77 -23.82 -3.57
CA ILE B 239 -0.93 -22.67 -3.27
C ILE B 239 -0.18 -22.92 -1.96
N LEU B 240 1.15 -22.93 -2.02
CA LEU B 240 1.94 -23.09 -0.81
C LEU B 240 2.04 -21.76 -0.07
N SER B 241 0.87 -21.26 0.37
CA SER B 241 0.68 -19.93 0.98
C SER B 241 1.67 -19.49 2.08
N ASP B 242 2.30 -20.44 2.75
CA ASP B 242 3.02 -20.16 4.00
C ASP B 242 4.56 -20.17 3.88
N VAL B 243 5.06 -20.56 2.70
CA VAL B 243 6.49 -20.44 2.39
C VAL B 243 6.80 -18.96 2.10
N MET B 244 8.01 -18.53 2.49
CA MET B 244 8.37 -17.11 2.59
C MET B 244 9.72 -16.81 1.91
N GLY B 245 10.12 -15.56 1.94
CA GLY B 245 11.42 -15.15 1.38
C GLY B 245 11.32 -14.53 -0.01
N SER B 246 10.09 -14.47 -0.54
CA SER B 246 9.80 -13.77 -1.80
C SER B 246 8.47 -13.08 -1.66
N ASP B 247 8.15 -12.21 -2.62
CA ASP B 247 6.83 -11.56 -2.67
C ASP B 247 5.77 -12.47 -3.34
N HIS B 248 6.24 -13.57 -3.91
CA HIS B 248 5.40 -14.64 -4.41
C HIS B 248 5.58 -15.83 -3.49
N CYS B 249 4.54 -16.65 -3.34
CA CYS B 249 4.74 -17.97 -2.73
C CYS B 249 4.76 -19.03 -3.82
N PRO B 250 5.31 -20.23 -3.51
CA PRO B 250 5.24 -21.36 -4.42
C PRO B 250 3.81 -21.76 -4.75
N ILE B 251 3.67 -22.49 -5.84
CA ILE B 251 2.42 -23.20 -6.17
C ILE B 251 2.82 -24.63 -6.54
N GLY B 252 1.87 -25.55 -6.42
CA GLY B 252 2.18 -26.97 -6.54
C GLY B 252 1.29 -27.74 -7.50
N LEU B 253 1.89 -28.70 -8.19
CA LEU B 253 1.14 -29.60 -9.04
C LEU B 253 1.55 -31.05 -8.80
N GLU B 254 0.55 -31.89 -8.57
CA GLU B 254 0.75 -33.33 -8.56
C GLU B 254 0.00 -33.98 -9.72
N ILE B 255 0.75 -34.70 -10.56
CA ILE B 255 0.15 -35.37 -11.70
C ILE B 255 0.34 -36.89 -11.56
N GLU B 256 -0.57 -37.65 -12.17
CA GLU B 256 -0.46 -39.10 -12.22
C GLU B 256 -0.05 -39.54 -13.63
N LEU B 257 1.21 -39.98 -13.75
CA LEU B 257 1.83 -40.32 -15.05
C LEU B 257 2.15 -39.11 -15.93
#